data_4UVY
#
_entry.id   4UVY
#
_cell.length_a   91.380
_cell.length_b   98.360
_cell.length_c   119.510
_cell.angle_alpha   90.00
_cell.angle_beta   90.00
_cell.angle_gamma   90.00
#
_symmetry.space_group_name_H-M   'C 2 2 21'
#
loop_
_entity.id
_entity.type
_entity.pdbx_description
1 polymer TANKYRASE-2
2 non-polymer 'ZINC ION'
3 non-polymer 'SULFATE ION'
4 non-polymer 3-(4-chlorophenyl)-5-methoxyisoquinolin-1(2H)-one
5 non-polymer GLYCEROL
6 water water
#
_entity_poly.entity_id   1
_entity_poly.type   'polypeptide(L)'
_entity_poly.pdbx_seq_one_letter_code
;MHHHHHHSSGVDLGTENLYFQSMLNTSGSGTILIDLSPDDKEFQSVEEEMQSTVREHRDGGHAGGIFNRYNILKIQKVCN
KKLWERYTHRRKEVSEENHNHANERMLFHGSPFVNAIIHKGFDERHAYIGGMFGAGIYFAENSSKSNQYVYGIGGGTGCP
VHKDRSCYICHRQLLFCRVTLGKSFLQFSAMKMAHSPPGHHSVTGRPSVNGLALAEYVIYRGEQAYPEYLITYQIMRPEG
;
_entity_poly.pdbx_strand_id   A,B
#
loop_
_chem_comp.id
_chem_comp.type
_chem_comp.name
_chem_comp.formula
GOL non-polymer GLYCEROL 'C3 H8 O3'
SGW non-polymer 3-(4-chlorophenyl)-5-methoxyisoquinolin-1(2H)-one 'C16 H12 Cl N O2'
SO4 non-polymer 'SULFATE ION' 'O4 S -2'
ZN non-polymer 'ZINC ION' 'Zn 2'
#
# COMPACT_ATOMS: atom_id res chain seq x y z
N GLY A 30 17.96 2.51 -33.06
CA GLY A 30 17.00 2.95 -34.11
C GLY A 30 15.96 3.95 -33.62
N THR A 31 16.10 4.46 -32.40
CA THR A 31 15.11 5.40 -31.87
C THR A 31 15.42 6.83 -32.32
N ILE A 32 14.40 7.51 -32.84
CA ILE A 32 14.48 8.95 -33.01
C ILE A 32 13.33 9.62 -32.23
N LEU A 33 13.61 10.82 -31.74
CA LEU A 33 12.67 11.64 -30.96
C LEU A 33 12.27 12.89 -31.74
N ILE A 34 10.98 13.05 -31.98
CA ILE A 34 10.44 14.17 -32.74
C ILE A 34 9.71 15.10 -31.78
N ASP A 35 10.17 16.34 -31.69
CA ASP A 35 9.49 17.36 -30.89
C ASP A 35 8.13 17.70 -31.43
N LEU A 36 7.13 17.77 -30.55
CA LEU A 36 5.84 18.29 -30.94
C LEU A 36 5.78 19.76 -30.61
N SER A 37 5.18 20.52 -31.51
CA SER A 37 4.93 21.93 -31.25
C SER A 37 3.78 22.02 -30.26
N PRO A 38 3.80 23.01 -29.35
CA PRO A 38 2.68 23.24 -28.44
C PRO A 38 1.36 23.60 -29.12
N ASP A 39 1.45 24.07 -30.37
CA ASP A 39 0.28 24.35 -31.19
C ASP A 39 -0.34 23.10 -31.78
N ASP A 40 0.34 21.97 -31.71
CA ASP A 40 -0.10 20.69 -32.27
C ASP A 40 -1.18 20.10 -31.35
N LYS A 41 -2.30 19.69 -31.92
CA LYS A 41 -3.39 19.06 -31.14
C LYS A 41 -2.91 17.84 -30.32
N GLU A 42 -1.93 17.11 -30.84
CA GLU A 42 -1.36 15.96 -30.17
C GLU A 42 -0.58 16.38 -28.90
N PHE A 43 0.13 17.50 -28.97
CA PHE A 43 0.81 18.06 -27.80
C PHE A 43 -0.26 18.41 -26.78
N GLN A 44 -1.26 19.14 -27.22
CA GLN A 44 -2.31 19.60 -26.32
C GLN A 44 -3.08 18.48 -25.63
N SER A 45 -3.37 17.40 -26.33
CA SER A 45 -4.15 16.30 -25.73
C SER A 45 -3.31 15.47 -24.75
N VAL A 46 -2.02 15.29 -25.03
CA VAL A 46 -1.10 14.64 -24.09
C VAL A 46 -0.87 15.53 -22.83
N GLU A 47 -0.67 16.84 -23.01
CA GLU A 47 -0.53 17.73 -21.84
C GLU A 47 -1.78 17.66 -20.97
N GLU A 48 -2.95 17.69 -21.59
CA GLU A 48 -4.20 17.65 -20.82
C GLU A 48 -4.35 16.34 -20.02
N GLU A 49 -3.95 15.21 -20.60
CA GLU A 49 -3.98 13.95 -19.83
C GLU A 49 -3.01 14.00 -18.65
N MET A 50 -1.83 14.57 -18.87
CA MET A 50 -0.86 14.78 -17.79
C MET A 50 -1.40 15.65 -16.63
N GLN A 51 -1.92 16.83 -16.97
CA GLN A 51 -2.36 17.81 -15.97
C GLN A 51 -3.63 17.33 -15.25
N SER A 52 -4.55 16.73 -15.98
CA SER A 52 -5.87 16.42 -15.46
C SER A 52 -5.90 15.18 -14.58
N THR A 53 -4.86 14.37 -14.63
CA THR A 53 -4.76 13.17 -13.78
C THR A 53 -3.82 13.32 -12.58
N VAL A 54 -3.46 14.56 -12.22
CA VAL A 54 -2.79 14.83 -10.93
C VAL A 54 -3.79 14.63 -9.77
N ARG A 55 -3.36 13.96 -8.70
CA ARG A 55 -4.15 13.86 -7.47
C ARG A 55 -3.22 14.06 -6.28
N GLU A 56 -3.81 14.27 -5.10
CA GLU A 56 -3.07 14.23 -3.85
C GLU A 56 -2.80 12.77 -3.45
N HIS A 57 -1.67 12.57 -2.80
CA HIS A 57 -1.23 11.25 -2.43
C HIS A 57 -1.16 11.10 -0.93
N ARG A 58 -1.26 9.85 -0.49
CA ARG A 58 -1.44 9.54 0.94
C ARG A 58 -0.17 9.75 1.75
N ASP A 59 0.97 9.88 1.06
CA ASP A 59 2.21 10.27 1.72
C ASP A 59 2.41 11.77 1.93
N GLY A 60 1.41 12.58 1.59
CA GLY A 60 1.49 14.04 1.72
C GLY A 60 2.55 14.70 0.84
N GLY A 61 3.00 13.98 -0.20
CA GLY A 61 4.06 14.44 -1.10
C GLY A 61 5.46 13.92 -0.83
N HIS A 62 5.61 12.98 0.10
CA HIS A 62 6.94 12.48 0.49
C HIS A 62 7.71 11.92 -0.71
N ALA A 63 7.08 11.06 -1.51
CA ALA A 63 7.78 10.34 -2.55
C ALA A 63 7.98 11.21 -3.76
N GLY A 64 6.94 11.95 -4.16
CA GLY A 64 6.91 12.63 -5.44
C GLY A 64 6.99 14.13 -5.39
N GLY A 65 6.81 14.72 -4.21
CA GLY A 65 6.78 16.17 -4.08
C GLY A 65 5.41 16.75 -3.89
N ILE A 66 5.37 18.02 -3.49
CA ILE A 66 4.12 18.74 -3.25
C ILE A 66 3.82 19.63 -4.45
N PHE A 67 2.69 19.36 -5.12
CA PHE A 67 2.29 20.10 -6.33
C PHE A 67 0.87 19.74 -6.74
N ASN A 68 0.21 20.63 -7.47
CA ASN A 68 -1.11 20.38 -8.05
C ASN A 68 -1.10 20.36 -9.57
N ARG A 69 0.02 20.81 -10.16
CA ARG A 69 0.14 20.85 -11.61
C ARG A 69 1.62 20.90 -12.01
N TYR A 70 1.85 20.73 -13.31
CA TYR A 70 3.21 20.67 -13.86
C TYR A 70 3.49 21.85 -14.79
N ASN A 71 4.76 22.17 -14.96
CA ASN A 71 5.22 23.02 -16.07
C ASN A 71 5.75 22.08 -17.15
N ILE A 72 5.02 21.91 -18.25
CA ILE A 72 5.47 21.02 -19.33
C ILE A 72 6.49 21.76 -20.17
N LEU A 73 7.67 21.17 -20.32
CA LEU A 73 8.78 21.80 -21.01
C LEU A 73 8.91 21.26 -22.44
N LYS A 74 8.64 19.98 -22.62
CA LYS A 74 8.77 19.37 -23.93
C LYS A 74 7.97 18.09 -24.00
N ILE A 75 7.43 17.80 -25.19
CA ILE A 75 6.82 16.51 -25.46
C ILE A 75 7.37 15.99 -26.78
N GLN A 76 8.02 14.84 -26.72
CA GLN A 76 8.56 14.18 -27.90
C GLN A 76 7.88 12.86 -28.23
N LYS A 77 7.64 12.66 -29.53
CA LYS A 77 7.20 11.37 -30.03
CA LYS A 77 7.21 11.38 -30.07
C LYS A 77 8.41 10.45 -30.15
N VAL A 78 8.26 9.23 -29.62
CA VAL A 78 9.31 8.21 -29.66
C VAL A 78 9.02 7.32 -30.86
N CYS A 79 9.98 7.27 -31.77
CA CYS A 79 9.82 6.54 -33.03
CA CYS A 79 9.82 6.57 -33.04
C CYS A 79 10.93 5.51 -33.15
N ASN A 80 10.53 4.23 -33.10
CA ASN A 80 11.43 3.10 -33.31
C ASN A 80 10.66 1.96 -33.98
N LYS A 81 10.99 1.68 -35.24
CA LYS A 81 10.24 0.71 -36.04
C LYS A 81 10.31 -0.70 -35.47
N LYS A 82 11.50 -1.15 -35.09
CA LYS A 82 11.67 -2.48 -34.50
C LYS A 82 10.84 -2.65 -33.22
N LEU A 83 10.91 -1.66 -32.32
CA LEU A 83 10.17 -1.76 -31.07
C LEU A 83 8.65 -1.71 -31.29
N TRP A 84 8.21 -0.95 -32.28
CA TRP A 84 6.77 -0.84 -32.60
C TRP A 84 6.23 -2.17 -33.13
N GLU A 85 6.99 -2.81 -34.01
CA GLU A 85 6.58 -4.08 -34.59
C GLU A 85 6.55 -5.20 -33.54
N ARG A 86 7.50 -5.14 -32.61
CA ARG A 86 7.50 -6.01 -31.43
C ARG A 86 6.21 -5.84 -30.62
N TYR A 87 5.77 -4.59 -30.45
CA TYR A 87 4.50 -4.30 -29.76
C TYR A 87 3.30 -4.86 -30.53
N THR A 88 3.20 -4.52 -31.82
CA THR A 88 2.00 -4.90 -32.61
C THR A 88 1.90 -6.42 -32.80
N HIS A 89 3.05 -7.09 -32.86
CA HIS A 89 3.07 -8.55 -32.93
C HIS A 89 2.41 -9.16 -31.71
N ARG A 90 2.81 -8.68 -30.53
CA ARG A 90 2.27 -9.21 -29.27
C ARG A 90 0.79 -8.79 -29.10
N ARG A 91 0.46 -7.59 -29.55
CA ARG A 91 -0.92 -7.10 -29.47
C ARG A 91 -1.88 -8.03 -30.24
N LYS A 92 -1.45 -8.47 -31.42
CA LYS A 92 -2.25 -9.40 -32.22
C LYS A 92 -2.41 -10.76 -31.54
N GLU A 93 -1.34 -11.28 -30.94
CA GLU A 93 -1.43 -12.50 -30.17
C GLU A 93 -2.48 -12.39 -29.05
N VAL A 94 -2.44 -11.30 -28.29
CA VAL A 94 -3.35 -11.12 -27.17
C VAL A 94 -4.78 -10.98 -27.67
N SER A 95 -4.96 -10.14 -28.68
CA SER A 95 -6.27 -9.91 -29.29
CA SER A 95 -6.28 -9.91 -29.25
C SER A 95 -6.91 -11.22 -29.75
N GLU A 96 -6.11 -12.08 -30.38
CA GLU A 96 -6.64 -13.37 -30.86
C GLU A 96 -7.01 -14.34 -29.73
N GLU A 97 -6.42 -14.15 -28.54
CA GLU A 97 -6.76 -14.90 -27.33
C GLU A 97 -7.92 -14.29 -26.54
N ASN A 98 -8.48 -13.18 -27.03
CA ASN A 98 -9.47 -12.41 -26.27
C ASN A 98 -10.50 -11.80 -27.21
N HIS A 99 -11.12 -12.66 -28.02
CA HIS A 99 -12.19 -12.26 -28.96
C HIS A 99 -11.91 -10.97 -29.71
N ASN A 100 -10.72 -10.88 -30.29
CA ASN A 100 -10.27 -9.73 -31.09
C ASN A 100 -10.33 -8.40 -30.36
N HIS A 101 -9.93 -8.42 -29.10
CA HIS A 101 -9.93 -7.25 -28.23
C HIS A 101 -8.63 -7.18 -27.48
N ALA A 102 -7.76 -6.26 -27.89
CA ALA A 102 -6.47 -6.03 -27.23
C ALA A 102 -6.60 -5.35 -25.87
N ASN A 103 -7.71 -4.63 -25.66
CA ASN A 103 -7.92 -3.85 -24.43
C ASN A 103 -6.74 -2.92 -24.21
N GLU A 104 -6.51 -2.06 -25.19
CA GLU A 104 -5.37 -1.18 -25.23
C GLU A 104 -5.67 0.15 -24.54
N ARG A 105 -4.74 0.58 -23.70
CA ARG A 105 -4.87 1.82 -22.94
C ARG A 105 -3.66 2.73 -23.16
N MET A 106 -3.82 4.02 -22.86
CA MET A 106 -2.70 4.94 -22.76
C MET A 106 -2.47 5.27 -21.28
N LEU A 107 -1.28 4.91 -20.79
CA LEU A 107 -0.95 4.97 -19.37
C LEU A 107 0.44 5.57 -19.13
N PHE A 108 0.63 6.17 -17.95
CA PHE A 108 1.91 6.76 -17.58
C PHE A 108 2.85 5.73 -17.01
N HIS A 109 4.15 5.94 -17.23
CA HIS A 109 5.20 5.16 -16.59
C HIS A 109 6.31 6.10 -16.14
N GLY A 110 6.66 6.04 -14.86
CA GLY A 110 7.83 6.75 -14.31
C GLY A 110 8.91 5.79 -13.86
N SER A 111 10.16 6.11 -14.19
CA SER A 111 11.27 5.21 -13.94
C SER A 111 12.61 5.93 -13.99
N PRO A 112 13.58 5.48 -13.17
CA PRO A 112 14.93 6.00 -13.38
C PRO A 112 15.54 5.52 -14.70
N PHE A 113 14.93 4.53 -15.36
CA PHE A 113 15.49 3.96 -16.60
C PHE A 113 14.80 4.41 -17.91
N VAL A 114 14.12 5.56 -17.89
CA VAL A 114 13.47 6.13 -19.08
CA VAL A 114 13.45 6.07 -19.09
C VAL A 114 14.36 6.08 -20.32
N ASN A 115 15.62 6.49 -20.15
CA ASN A 115 16.48 6.60 -21.32
C ASN A 115 16.89 5.27 -21.92
N ALA A 116 17.01 4.20 -21.12
CA ALA A 116 17.18 2.87 -21.67
C ALA A 116 15.88 2.32 -22.31
N ILE A 117 14.74 2.64 -21.70
CA ILE A 117 13.45 2.17 -22.21
C ILE A 117 13.19 2.66 -23.62
N ILE A 118 13.43 3.93 -23.88
CA ILE A 118 13.10 4.48 -25.20
C ILE A 118 14.01 3.95 -26.32
N HIS A 119 15.20 3.47 -25.95
CA HIS A 119 16.17 2.94 -26.93
C HIS A 119 16.07 1.44 -27.10
N LYS A 120 15.84 0.71 -26.02
CA LYS A 120 15.84 -0.76 -26.04
C LYS A 120 14.47 -1.42 -25.80
N GLY A 121 13.46 -0.64 -25.40
CA GLY A 121 12.13 -1.18 -25.11
C GLY A 121 12.01 -1.64 -23.67
N PHE A 122 10.80 -1.97 -23.24
CA PHE A 122 10.59 -2.52 -21.90
C PHE A 122 11.04 -3.99 -21.84
N ASP A 123 11.69 -4.38 -20.76
CA ASP A 123 12.01 -5.78 -20.48
C ASP A 123 12.08 -6.02 -18.96
N GLU A 124 12.44 -7.24 -18.57
CA GLU A 124 12.52 -7.62 -17.14
C GLU A 124 13.32 -6.66 -16.26
N ARG A 125 14.32 -5.98 -16.80
CA ARG A 125 15.13 -5.05 -16.00
C ARG A 125 14.36 -3.80 -15.56
N HIS A 126 13.18 -3.58 -16.13
CA HIS A 126 12.33 -2.44 -15.79
C HIS A 126 11.14 -2.85 -14.88
N ALA A 127 11.14 -4.10 -14.42
CA ALA A 127 10.11 -4.59 -13.52
C ALA A 127 10.29 -4.02 -12.11
N TYR A 128 9.17 -3.84 -11.41
CA TYR A 128 9.18 -3.47 -9.99
C TYR A 128 9.08 -4.79 -9.21
N ILE A 129 10.22 -5.27 -8.74
CA ILE A 129 10.31 -6.62 -8.21
C ILE A 129 9.47 -6.69 -6.95
N GLY A 130 9.48 -5.61 -6.17
CA GLY A 130 8.77 -5.57 -4.91
C GLY A 130 7.36 -5.03 -4.92
N GLY A 131 6.75 -4.88 -6.09
CA GLY A 131 5.41 -4.30 -6.18
C GLY A 131 4.33 -5.18 -5.58
N MET A 132 3.21 -4.57 -5.21
CA MET A 132 2.11 -5.26 -4.52
CA MET A 132 2.17 -5.32 -4.50
C MET A 132 1.39 -6.28 -5.39
N PHE A 133 1.62 -6.23 -6.70
CA PHE A 133 1.02 -7.22 -7.60
C PHE A 133 2.10 -8.07 -8.21
N GLY A 134 3.25 -8.16 -7.54
CA GLY A 134 4.33 -9.03 -7.99
C GLY A 134 5.28 -8.34 -8.95
N ALA A 135 6.34 -9.06 -9.31
CA ALA A 135 7.38 -8.54 -10.17
C ALA A 135 6.88 -8.44 -11.60
N GLY A 136 6.42 -7.25 -11.94
CA GLY A 136 6.02 -6.94 -13.31
C GLY A 136 6.33 -5.49 -13.59
N ILE A 137 5.83 -5.01 -14.71
CA ILE A 137 6.04 -3.64 -15.13
C ILE A 137 4.75 -2.86 -14.88
N TYR A 138 4.87 -1.81 -14.10
CA TYR A 138 3.75 -1.09 -13.52
C TYR A 138 3.43 0.18 -14.32
N PHE A 139 2.14 0.44 -14.50
CA PHE A 139 1.67 1.66 -15.20
C PHE A 139 0.53 2.31 -14.41
N ALA A 140 0.35 3.63 -14.56
CA ALA A 140 -0.67 4.36 -13.80
C ALA A 140 -1.59 5.22 -14.67
N GLU A 141 -2.87 5.30 -14.30
CA GLU A 141 -3.78 6.31 -14.88
C GLU A 141 -3.46 7.71 -14.36
N ASN A 142 -3.05 7.78 -13.10
CA ASN A 142 -2.66 9.07 -12.47
C ASN A 142 -1.21 9.42 -12.83
N SER A 143 -1.01 10.51 -13.57
CA SER A 143 0.37 10.94 -13.85
C SER A 143 1.17 11.15 -12.56
N SER A 144 0.51 11.66 -11.52
CA SER A 144 1.16 11.93 -10.23
C SER A 144 1.62 10.65 -9.48
N LYS A 145 0.97 9.52 -9.74
CA LYS A 145 1.48 8.22 -9.24
C LYS A 145 2.81 7.85 -9.91
N SER A 146 2.85 7.90 -11.23
CA SER A 146 4.11 7.62 -11.96
C SER A 146 5.24 8.58 -11.56
N ASN A 147 4.90 9.83 -11.27
CA ASN A 147 5.87 10.82 -10.81
C ASN A 147 6.62 10.41 -9.52
N GLN A 148 5.96 9.66 -8.64
CA GLN A 148 6.57 9.12 -7.43
C GLN A 148 7.75 8.16 -7.68
N TYR A 149 7.92 7.70 -8.92
CA TYR A 149 8.93 6.70 -9.27
C TYR A 149 10.03 7.21 -10.21
N VAL A 150 9.95 8.47 -10.61
CA VAL A 150 10.95 9.09 -11.50
C VAL A 150 12.38 9.00 -10.92
N TYR A 151 12.51 9.25 -9.63
CA TYR A 151 13.82 9.19 -8.96
C TYR A 151 14.02 7.90 -8.18
N GLY A 152 13.20 6.89 -8.46
CA GLY A 152 13.34 5.56 -7.87
C GLY A 152 12.14 5.19 -7.01
N ILE A 153 12.19 3.99 -6.42
CA ILE A 153 11.11 3.50 -5.58
C ILE A 153 10.97 4.44 -4.39
N GLY A 154 9.74 4.85 -4.12
CA GLY A 154 9.48 5.82 -3.07
C GLY A 154 10.13 7.17 -3.30
N GLY A 155 10.51 7.47 -4.54
CA GLY A 155 11.20 8.72 -4.83
C GLY A 155 12.71 8.68 -4.59
N GLY A 156 13.21 7.53 -4.14
CA GLY A 156 14.63 7.35 -3.84
C GLY A 156 15.14 8.45 -2.95
N THR A 157 16.25 9.05 -3.33
CA THR A 157 16.83 10.16 -2.59
C THR A 157 16.54 11.51 -3.27
N GLY A 158 15.64 11.51 -4.25
CA GLY A 158 15.21 12.72 -4.91
C GLY A 158 16.11 13.06 -6.08
N CYS A 159 16.05 14.31 -6.52
CA CYS A 159 16.81 14.74 -7.69
C CYS A 159 18.32 14.53 -7.48
N PRO A 160 19.05 14.17 -8.55
CA PRO A 160 20.49 13.94 -8.33
C PRO A 160 21.30 15.18 -7.89
N VAL A 161 20.85 16.38 -8.26
CA VAL A 161 21.60 17.61 -7.99
C VAL A 161 21.41 18.11 -6.56
N HIS A 162 20.15 18.18 -6.10
CA HIS A 162 19.81 18.70 -4.77
C HIS A 162 19.38 17.67 -3.72
N LYS A 163 19.23 16.41 -4.10
CA LYS A 163 18.71 15.35 -3.21
C LYS A 163 17.37 15.71 -2.61
N ASP A 164 16.50 16.26 -3.46
CA ASP A 164 15.23 16.75 -3.05
C ASP A 164 14.13 16.06 -3.87
N ARG A 165 13.32 15.23 -3.21
CA ARG A 165 12.18 14.55 -3.85
C ARG A 165 11.10 15.52 -4.31
N SER A 166 11.04 16.70 -3.70
CA SER A 166 10.14 17.76 -4.11
C SER A 166 10.83 18.90 -4.89
N CYS A 167 11.94 18.61 -5.56
CA CYS A 167 12.67 19.67 -6.29
C CYS A 167 11.77 20.31 -7.34
N TYR A 168 11.69 21.64 -7.29
CA TYR A 168 10.93 22.43 -8.26
C TYR A 168 11.82 22.98 -9.40
N ILE A 169 13.11 22.67 -9.36
CA ILE A 169 14.07 23.21 -10.32
C ILE A 169 14.43 22.16 -11.38
N CYS A 170 14.79 20.98 -10.92
CA CYS A 170 15.32 19.95 -11.81
C CYS A 170 14.24 19.42 -12.78
N HIS A 171 14.66 19.16 -14.01
CA HIS A 171 13.81 18.59 -15.06
C HIS A 171 13.53 17.11 -14.79
N ARG A 172 12.26 16.71 -14.91
CA ARG A 172 11.83 15.33 -14.75
C ARG A 172 11.28 14.82 -16.08
N GLN A 173 11.26 13.49 -16.25
CA GLN A 173 10.70 12.85 -17.43
C GLN A 173 9.78 11.67 -17.08
N LEU A 174 8.62 11.61 -17.75
CA LEU A 174 7.69 10.49 -17.71
C LEU A 174 7.49 9.96 -19.13
N LEU A 175 7.07 8.69 -19.22
CA LEU A 175 6.58 8.12 -20.48
C LEU A 175 5.06 8.01 -20.47
N PHE A 176 4.45 8.35 -21.60
CA PHE A 176 3.03 8.12 -21.82
C PHE A 176 2.95 7.01 -22.87
N CYS A 177 2.50 5.85 -22.43
CA CYS A 177 2.70 4.59 -23.14
C CYS A 177 1.43 3.91 -23.63
N ARG A 178 1.56 3.21 -24.75
CA ARG A 178 0.48 2.39 -25.29
C ARG A 178 0.64 0.99 -24.68
N VAL A 179 -0.40 0.51 -24.00
CA VAL A 179 -0.31 -0.74 -23.22
C VAL A 179 -1.46 -1.69 -23.56
N THR A 180 -1.11 -2.94 -23.85
CA THR A 180 -2.07 -3.98 -24.16
C THR A 180 -2.38 -4.73 -22.86
N LEU A 181 -3.63 -4.63 -22.37
CA LEU A 181 -4.01 -5.33 -21.14
C LEU A 181 -4.64 -6.69 -21.35
N GLY A 182 -5.24 -6.90 -22.52
CA GLY A 182 -5.95 -8.13 -22.80
C GLY A 182 -6.99 -8.40 -21.71
N LYS A 183 -7.13 -9.67 -21.32
CA LYS A 183 -7.97 -10.05 -20.20
C LYS A 183 -7.21 -9.76 -18.91
N SER A 184 -7.69 -8.81 -18.13
CA SER A 184 -6.96 -8.34 -16.95
C SER A 184 -7.55 -8.95 -15.69
N PHE A 185 -6.70 -9.46 -14.83
CA PHE A 185 -7.13 -9.96 -13.51
C PHE A 185 -7.40 -8.78 -12.56
N LEU A 186 -8.64 -8.69 -12.04
CA LEU A 186 -9.05 -7.60 -11.17
CA LEU A 186 -9.06 -7.62 -11.16
C LEU A 186 -8.68 -7.90 -9.71
N GLN A 187 -7.83 -7.04 -9.15
CA GLN A 187 -7.43 -7.13 -7.75
C GLN A 187 -8.02 -5.90 -7.04
N PHE A 188 -8.90 -6.14 -6.07
CA PHE A 188 -9.44 -5.05 -5.25
C PHE A 188 -8.42 -4.78 -4.15
N SER A 189 -8.15 -3.52 -3.85
CA SER A 189 -7.00 -3.24 -2.98
C SER A 189 -7.01 -1.87 -2.34
N ALA A 190 -6.37 -1.77 -1.18
CA ALA A 190 -6.13 -0.48 -0.52
C ALA A 190 -5.07 0.31 -1.29
N MET A 193 11.07 -11.92 -13.86
CA MET A 193 9.72 -11.38 -13.91
C MET A 193 8.68 -12.49 -13.66
N ALA A 194 7.60 -12.15 -12.95
CA ALA A 194 6.52 -13.12 -12.64
C ALA A 194 5.65 -13.41 -13.86
N HIS A 195 4.67 -14.30 -13.70
CA HIS A 195 3.73 -14.62 -14.78
C HIS A 195 2.38 -13.97 -14.51
N SER A 196 1.65 -13.67 -15.58
CA SER A 196 0.25 -13.28 -15.45
C SER A 196 -0.50 -14.41 -14.76
N PRO A 197 -1.54 -14.07 -13.99
CA PRO A 197 -2.40 -15.15 -13.52
C PRO A 197 -2.94 -16.00 -14.68
N PRO A 198 -2.98 -17.35 -14.51
CA PRO A 198 -3.48 -18.23 -15.57
C PRO A 198 -4.76 -17.71 -16.22
N GLY A 199 -4.81 -17.75 -17.55
CA GLY A 199 -5.96 -17.26 -18.29
C GLY A 199 -6.04 -15.74 -18.43
N HIS A 200 -5.01 -15.01 -17.98
CA HIS A 200 -5.01 -13.54 -18.02
C HIS A 200 -3.73 -12.97 -18.66
N HIS A 201 -3.79 -11.72 -19.12
CA HIS A 201 -2.65 -11.07 -19.80
C HIS A 201 -2.03 -9.93 -19.02
N SER A 202 -2.68 -9.53 -17.93
CA SER A 202 -2.29 -8.40 -17.10
C SER A 202 -3.01 -8.47 -15.76
N VAL A 203 -2.65 -7.58 -14.84
CA VAL A 203 -3.37 -7.38 -13.58
C VAL A 203 -3.82 -5.91 -13.45
N THR A 204 -5.02 -5.70 -12.94
CA THR A 204 -5.52 -4.36 -12.64
C THR A 204 -5.61 -4.16 -11.14
N GLY A 205 -4.94 -3.13 -10.65
CA GLY A 205 -5.02 -2.74 -9.25
C GLY A 205 -6.11 -1.71 -9.08
N ARG A 206 -7.27 -2.16 -8.63
CA ARG A 206 -8.41 -1.28 -8.39
C ARG A 206 -8.36 -0.61 -7.00
N PRO A 207 -8.44 0.72 -6.95
CA PRO A 207 -8.48 1.39 -5.65
C PRO A 207 -9.74 1.06 -4.82
N SER A 208 -9.57 0.75 -3.53
CA SER A 208 -10.70 0.29 -2.65
C SER A 208 -10.85 1.06 -1.31
N VAL A 209 -10.16 2.19 -1.17
CA VAL A 209 -10.22 3.00 0.06
C VAL A 209 -10.23 4.48 -0.31
N ASN A 210 -9.15 4.91 -0.97
CA ASN A 210 -9.04 6.24 -1.53
C ASN A 210 -9.94 6.33 -2.75
N GLY A 211 -11.09 6.95 -2.50
CA GLY A 211 -12.08 7.16 -3.55
C GLY A 211 -11.65 8.06 -4.68
N LEU A 212 -10.53 8.79 -4.54
CA LEU A 212 -10.05 9.64 -5.64
C LEU A 212 -8.96 8.99 -6.52
N ALA A 213 -8.36 7.91 -6.04
CA ALA A 213 -7.30 7.23 -6.79
C ALA A 213 -7.81 6.55 -8.05
N LEU A 214 -7.06 6.70 -9.14
CA LEU A 214 -7.33 5.94 -10.35
C LEU A 214 -6.57 4.61 -10.31
N ALA A 215 -6.85 3.74 -11.26
CA ALA A 215 -6.28 2.40 -11.28
C ALA A 215 -4.79 2.41 -11.68
N GLU A 216 -4.13 1.32 -11.30
CA GLU A 216 -2.76 0.98 -11.67
C GLU A 216 -2.81 -0.40 -12.34
N TYR A 217 -1.89 -0.66 -13.25
CA TYR A 217 -1.90 -1.88 -14.04
C TYR A 217 -0.52 -2.49 -14.08
N VAL A 218 -0.47 -3.82 -14.24
CA VAL A 218 0.79 -4.54 -14.32
C VAL A 218 0.77 -5.52 -15.48
N ILE A 219 1.85 -5.49 -16.28
CA ILE A 219 2.08 -6.47 -17.34
C ILE A 219 3.36 -7.25 -17.00
N TYR A 220 3.43 -8.47 -17.53
CA TYR A 220 4.54 -9.38 -17.25
C TYR A 220 5.32 -9.73 -18.52
N ARG A 221 5.04 -9.01 -19.60
CA ARG A 221 5.76 -9.16 -20.86
C ARG A 221 6.10 -7.74 -21.33
N GLY A 222 7.39 -7.43 -21.49
CA GLY A 222 7.81 -6.10 -21.97
C GLY A 222 7.25 -5.69 -23.34
N GLU A 223 6.96 -6.68 -24.17
CA GLU A 223 6.40 -6.48 -25.50
C GLU A 223 4.99 -5.93 -25.47
N GLN A 224 4.32 -6.00 -24.32
CA GLN A 224 2.95 -5.48 -24.19
C GLN A 224 2.86 -3.97 -23.92
N ALA A 225 3.95 -3.23 -24.08
CA ALA A 225 3.90 -1.78 -23.95
C ALA A 225 4.84 -1.14 -24.95
N TYR A 226 4.47 0.05 -25.42
CA TYR A 226 5.31 0.83 -26.31
C TYR A 226 5.36 2.25 -25.76
N PRO A 227 6.57 2.81 -25.55
CA PRO A 227 6.78 4.13 -24.98
C PRO A 227 6.57 5.21 -26.05
N GLU A 228 5.35 5.69 -26.18
CA GLU A 228 4.99 6.52 -27.33
C GLU A 228 5.41 7.99 -27.17
N TYR A 229 5.27 8.54 -25.97
CA TYR A 229 5.67 9.91 -25.72
C TYR A 229 6.63 10.03 -24.55
N LEU A 230 7.67 10.84 -24.75
CA LEU A 230 8.57 11.28 -23.69
C LEU A 230 8.20 12.72 -23.28
N ILE A 231 7.81 12.89 -22.02
CA ILE A 231 7.37 14.18 -21.51
C ILE A 231 8.38 14.72 -20.51
N THR A 232 8.92 15.91 -20.79
CA THR A 232 9.86 16.60 -19.93
C THR A 232 9.12 17.73 -19.20
N TYR A 233 9.26 17.77 -17.87
CA TYR A 233 8.47 18.68 -17.04
C TYR A 233 9.16 19.03 -15.74
N GLN A 234 8.61 20.02 -15.05
CA GLN A 234 8.88 20.25 -13.63
C GLN A 234 7.56 20.21 -12.87
N ILE A 235 7.58 19.75 -11.63
CA ILE A 235 6.43 19.95 -10.73
C ILE A 235 6.42 21.43 -10.30
N MET A 236 5.24 22.02 -10.12
CA MET A 236 5.14 23.44 -9.73
C MET A 236 4.74 23.63 -8.27
N ARG A 237 5.46 24.51 -7.57
CA ARG A 237 5.19 24.81 -6.17
C ARG A 237 3.83 25.49 -6.06
N PRO A 238 2.92 24.93 -5.25
CA PRO A 238 1.61 25.59 -5.10
C PRO A 238 1.75 27.02 -4.56
N GLU A 239 0.84 27.91 -4.96
CA GLU A 239 0.87 29.29 -4.47
C GLU A 239 0.41 29.38 -3.02
N GLY B 30 -5.06 15.03 9.12
CA GLY B 30 -3.61 15.35 9.14
C GLY B 30 -2.71 14.13 9.18
N THR B 31 -3.23 12.97 8.78
CA THR B 31 -2.43 11.74 8.75
C THR B 31 -1.72 11.61 7.43
N ILE B 32 -0.42 11.30 7.48
CA ILE B 32 0.29 10.88 6.29
C ILE B 32 0.89 9.49 6.50
N LEU B 33 0.99 8.75 5.41
CA LEU B 33 1.51 7.39 5.41
C LEU B 33 2.81 7.36 4.62
N ILE B 34 3.88 6.87 5.24
CA ILE B 34 5.21 6.82 4.63
C ILE B 34 5.60 5.37 4.39
N ASP B 35 5.87 5.01 3.14
CA ASP B 35 6.23 3.62 2.82
C ASP B 35 7.60 3.29 3.33
N LEU B 36 7.74 2.13 3.96
CA LEU B 36 9.05 1.65 4.35
C LEU B 36 9.58 0.74 3.26
N SER B 37 10.87 0.88 2.97
CA SER B 37 11.56 0.02 2.01
C SER B 37 11.78 -1.37 2.61
N PRO B 38 11.56 -2.43 1.82
CA PRO B 38 11.89 -3.78 2.29
C PRO B 38 13.35 -3.98 2.70
N ASP B 39 14.25 -3.12 2.21
CA ASP B 39 15.67 -3.18 2.55
C ASP B 39 16.01 -2.53 3.87
N ASP B 40 15.03 -1.85 4.47
CA ASP B 40 15.16 -1.13 5.72
C ASP B 40 14.99 -2.08 6.91
N LYS B 41 15.86 -1.98 7.90
CA LYS B 41 15.77 -2.80 9.11
C LYS B 41 14.44 -2.63 9.87
N GLU B 42 13.85 -1.44 9.78
CA GLU B 42 12.53 -1.20 10.40
C GLU B 42 11.44 -2.06 9.76
N PHE B 43 11.39 -2.08 8.43
CA PHE B 43 10.46 -2.96 7.69
C PHE B 43 10.67 -4.41 8.14
N GLN B 44 11.92 -4.84 8.14
CA GLN B 44 12.29 -6.21 8.45
C GLN B 44 11.93 -6.62 9.86
N SER B 45 12.04 -5.69 10.80
CA SER B 45 11.68 -5.99 12.18
C SER B 45 10.17 -6.18 12.32
N VAL B 46 9.41 -5.33 11.66
CA VAL B 46 7.96 -5.43 11.71
C VAL B 46 7.45 -6.69 10.99
N GLU B 47 8.02 -7.01 9.83
CA GLU B 47 7.70 -8.28 9.19
C GLU B 47 8.01 -9.48 10.11
N GLU B 48 9.15 -9.47 10.78
CA GLU B 48 9.51 -10.63 11.61
C GLU B 48 8.57 -10.76 12.82
N GLU B 49 8.10 -9.64 13.37
CA GLU B 49 7.09 -9.69 14.44
C GLU B 49 5.77 -10.28 13.94
N MET B 50 5.34 -9.91 12.74
CA MET B 50 4.19 -10.53 12.09
C MET B 50 4.34 -12.05 11.92
N GLN B 51 5.41 -12.45 11.24
CA GLN B 51 5.61 -13.85 10.89
C GLN B 51 5.85 -14.75 12.11
N SER B 52 6.64 -14.28 13.07
CA SER B 52 7.02 -15.09 14.22
C SER B 52 5.88 -15.28 15.24
N THR B 53 4.84 -14.46 15.18
CA THR B 53 3.72 -14.60 16.12
C THR B 53 2.45 -15.20 15.50
N VAL B 54 2.59 -15.86 14.35
CA VAL B 54 1.49 -16.68 13.81
C VAL B 54 1.38 -17.96 14.67
N ARG B 55 0.16 -18.33 15.06
CA ARG B 55 -0.06 -19.61 15.71
C ARG B 55 -1.28 -20.30 15.14
N GLU B 56 -1.45 -21.56 15.51
CA GLU B 56 -2.67 -22.31 15.21
C GLU B 56 -3.77 -21.83 16.12
N HIS B 57 -4.99 -21.87 15.60
CA HIS B 57 -6.13 -21.41 16.34
C HIS B 57 -7.12 -22.56 16.51
N ARG B 58 -7.83 -22.57 17.63
CA ARG B 58 -8.65 -23.72 18.02
C ARG B 58 -9.90 -23.85 17.18
N ASP B 59 -10.22 -22.84 16.37
CA ASP B 59 -11.33 -22.91 15.41
C ASP B 59 -10.96 -23.57 14.08
N GLY B 60 -9.74 -24.09 13.97
CA GLY B 60 -9.27 -24.74 12.74
C GLY B 60 -9.07 -23.79 11.56
N GLY B 61 -9.03 -22.49 11.80
CA GLY B 61 -8.97 -21.50 10.70
C GLY B 61 -10.28 -20.83 10.37
N HIS B 62 -11.34 -21.20 11.07
CA HIS B 62 -12.69 -20.73 10.70
C HIS B 62 -12.79 -19.21 10.54
N ALA B 63 -12.28 -18.47 11.53
CA ALA B 63 -12.45 -17.02 11.56
C ALA B 63 -11.45 -16.29 10.66
N GLY B 64 -10.19 -16.71 10.74
CA GLY B 64 -9.09 -16.00 10.10
C GLY B 64 -8.49 -16.64 8.84
N GLY B 65 -8.81 -17.91 8.64
CA GLY B 65 -8.28 -18.66 7.50
C GLY B 65 -7.21 -19.66 7.89
N ILE B 66 -6.83 -20.50 6.94
CA ILE B 66 -5.84 -21.54 7.17
C ILE B 66 -4.52 -21.06 6.57
N PHE B 67 -3.53 -20.87 7.44
CA PHE B 67 -2.20 -20.36 7.05
C PHE B 67 -1.14 -20.54 8.14
N ASN B 68 0.11 -20.63 7.73
CA ASN B 68 1.24 -20.64 8.66
C ASN B 68 2.10 -19.39 8.57
N ARG B 69 1.92 -18.61 7.50
CA ARG B 69 2.70 -17.41 7.28
C ARG B 69 1.98 -16.44 6.36
N TYR B 70 2.53 -15.23 6.24
CA TYR B 70 1.98 -14.19 5.40
C TYR B 70 2.88 -13.85 4.21
N ASN B 71 2.25 -13.32 3.17
CA ASN B 71 2.94 -12.53 2.15
C ASN B 71 2.78 -11.03 2.49
N ILE B 72 3.82 -10.40 3.03
CA ILE B 72 3.77 -8.97 3.37
C ILE B 72 3.94 -8.15 2.09
N LEU B 73 2.94 -7.34 1.77
CA LEU B 73 2.93 -6.55 0.55
C LEU B 73 3.42 -5.11 0.74
N LYS B 74 3.19 -4.54 1.93
CA LYS B 74 3.58 -3.17 2.22
C LYS B 74 3.51 -2.89 3.74
N ILE B 75 4.43 -2.04 4.21
CA ILE B 75 4.40 -1.56 5.60
C ILE B 75 4.56 -0.05 5.54
N GLN B 76 3.59 0.67 6.07
CA GLN B 76 3.64 2.13 6.10
C GLN B 76 3.68 2.68 7.53
N LYS B 77 4.54 3.66 7.73
CA LYS B 77 4.62 4.43 8.97
C LYS B 77 3.46 5.40 8.96
N VAL B 78 2.69 5.43 10.05
CA VAL B 78 1.52 6.29 10.20
C VAL B 78 1.89 7.53 11.01
N CYS B 79 1.70 8.71 10.45
CA CYS B 79 2.19 9.97 11.04
CA CYS B 79 2.20 9.96 11.04
C CYS B 79 1.07 10.98 11.19
N ASN B 80 0.74 11.31 12.44
CA ASN B 80 -0.28 12.31 12.73
C ASN B 80 0.13 13.03 14.00
N LYS B 81 0.44 14.31 13.86
CA LYS B 81 0.96 15.15 14.94
C LYS B 81 -0.07 15.31 16.07
N LYS B 82 -1.29 15.67 15.72
CA LYS B 82 -2.35 15.80 16.71
C LYS B 82 -2.61 14.51 17.50
N LEU B 83 -2.71 13.38 16.80
CA LEU B 83 -2.99 12.10 17.45
C LEU B 83 -1.81 11.64 18.30
N TRP B 84 -0.60 11.93 17.84
CA TRP B 84 0.61 11.60 18.60
C TRP B 84 0.66 12.38 19.92
N GLU B 85 0.42 13.69 19.85
CA GLU B 85 0.37 14.51 21.05
C GLU B 85 -0.74 14.08 22.01
N ARG B 86 -1.91 13.74 21.49
CA ARG B 86 -2.98 13.13 22.28
C ARG B 86 -2.49 11.87 23.04
N TYR B 87 -1.76 11.01 22.33
CA TYR B 87 -1.25 9.78 22.92
C TYR B 87 -0.23 10.06 24.03
N THR B 88 0.77 10.90 23.76
CA THR B 88 1.87 11.18 24.72
C THR B 88 1.39 11.96 25.95
N HIS B 89 0.31 12.72 25.80
CA HIS B 89 -0.29 13.41 26.92
C HIS B 89 -0.92 12.41 27.88
N ARG B 90 -1.65 11.45 27.32
CA ARG B 90 -2.27 10.41 28.13
C ARG B 90 -1.21 9.48 28.72
N ARG B 91 -0.16 9.20 27.98
CA ARG B 91 0.90 8.32 28.44
C ARG B 91 1.56 8.90 29.70
N LYS B 92 1.78 10.21 29.66
CA LYS B 92 2.39 10.95 30.78
C LYS B 92 1.50 10.90 32.02
N GLU B 93 0.19 11.02 31.86
CA GLU B 93 -0.75 10.88 32.98
C GLU B 93 -0.70 9.49 33.58
N VAL B 94 -0.67 8.47 32.72
CA VAL B 94 -0.67 7.08 33.18
C VAL B 94 0.65 6.76 33.86
N SER B 95 1.74 7.18 33.24
CA SER B 95 3.07 6.97 33.78
C SER B 95 3.20 7.53 35.19
N GLU B 96 2.74 8.77 35.39
CA GLU B 96 2.78 9.40 36.72
C GLU B 96 1.93 8.65 37.75
N GLU B 97 0.71 8.28 37.38
CA GLU B 97 -0.15 7.48 38.23
C GLU B 97 0.42 6.11 38.56
N ASN B 98 1.23 5.55 37.66
CA ASN B 98 1.86 4.23 37.86
C ASN B 98 3.34 4.38 38.24
N HIS B 99 3.65 5.44 39.00
CA HIS B 99 4.97 5.60 39.61
C HIS B 99 6.10 5.63 38.60
N ASN B 100 5.87 6.44 37.58
CA ASN B 100 6.80 6.69 36.48
CA ASN B 100 6.83 6.68 36.49
C ASN B 100 7.12 5.43 35.64
N HIS B 101 6.06 4.69 35.31
CA HIS B 101 6.15 3.48 34.46
C HIS B 101 4.95 3.41 33.52
N ALA B 102 5.15 3.79 32.27
CA ALA B 102 4.08 3.73 31.27
C ALA B 102 3.66 2.30 30.89
N ASN B 103 4.59 1.36 31.00
CA ASN B 103 4.35 -0.05 30.62
C ASN B 103 3.88 -0.08 29.16
N GLU B 104 4.68 0.52 28.28
CA GLU B 104 4.30 0.67 26.88
C GLU B 104 4.74 -0.54 26.06
N ARG B 105 3.82 -1.04 25.20
CA ARG B 105 4.06 -2.20 24.36
C ARG B 105 3.85 -1.87 22.88
N MET B 106 4.34 -2.75 22.01
CA MET B 106 3.93 -2.79 20.61
C MET B 106 3.04 -4.04 20.43
N LEU B 107 1.81 -3.83 19.94
CA LEU B 107 0.79 -4.88 19.86
C LEU B 107 -0.02 -4.76 18.57
N PHE B 108 -0.52 -5.89 18.08
CA PHE B 108 -1.34 -5.86 16.87
C PHE B 108 -2.79 -5.48 17.12
N HIS B 109 -3.42 -4.92 16.09
CA HIS B 109 -4.86 -4.65 16.10
C HIS B 109 -5.45 -4.93 14.73
N GLY B 110 -6.49 -5.77 14.69
CA GLY B 110 -7.23 -6.05 13.47
C GLY B 110 -8.65 -5.53 13.62
N SER B 111 -9.18 -4.91 12.57
CA SER B 111 -10.51 -4.32 12.64
C SER B 111 -11.01 -3.92 11.26
N PRO B 112 -12.34 -3.95 11.05
CA PRO B 112 -12.86 -3.39 9.81
C PRO B 112 -12.85 -1.85 9.77
N PHE B 113 -12.45 -1.20 10.85
CA PHE B 113 -12.41 0.27 10.91
C PHE B 113 -10.99 0.82 10.79
N VAL B 114 -10.05 0.02 10.31
CA VAL B 114 -8.65 0.42 10.23
C VAL B 114 -8.49 1.75 9.46
N ASN B 115 -9.30 1.95 8.43
CA ASN B 115 -9.23 3.18 7.63
C ASN B 115 -9.65 4.40 8.44
N ALA B 116 -10.68 4.26 9.27
CA ALA B 116 -11.06 5.31 10.21
C ALA B 116 -10.05 5.56 11.35
N ILE B 117 -9.44 4.49 11.87
CA ILE B 117 -8.53 4.61 13.01
C ILE B 117 -7.29 5.46 12.69
N ILE B 118 -6.70 5.23 11.54
CA ILE B 118 -5.48 5.96 11.20
C ILE B 118 -5.71 7.48 11.01
N HIS B 119 -6.93 7.86 10.63
CA HIS B 119 -7.24 9.27 10.37
C HIS B 119 -7.74 9.98 11.61
N LYS B 120 -8.54 9.29 12.41
CA LYS B 120 -9.23 9.89 13.54
C LYS B 120 -8.73 9.39 14.90
N GLY B 121 -7.95 8.31 14.91
CA GLY B 121 -7.47 7.73 16.15
C GLY B 121 -8.46 6.74 16.69
N PHE B 122 -8.08 6.06 17.79
CA PHE B 122 -8.97 5.12 18.47
C PHE B 122 -9.97 5.86 19.36
N ASP B 123 -11.20 5.36 19.41
CA ASP B 123 -12.18 5.82 20.40
C ASP B 123 -13.26 4.74 20.60
N GLU B 124 -14.31 5.08 21.35
CA GLU B 124 -15.36 4.10 21.71
C GLU B 124 -15.96 3.35 20.52
N ARG B 125 -16.00 3.97 19.34
CA ARG B 125 -16.51 3.28 18.12
C ARG B 125 -15.74 2.01 17.80
N HIS B 126 -14.50 1.91 18.25
CA HIS B 126 -13.62 0.78 17.88
C HIS B 126 -13.53 -0.29 18.97
N ALA B 127 -14.35 -0.14 20.01
CA ALA B 127 -14.42 -1.11 21.09
C ALA B 127 -15.12 -2.39 20.67
N TYR B 128 -14.76 -3.48 21.34
CA TYR B 128 -15.40 -4.77 21.17
C TYR B 128 -16.29 -4.93 22.39
N ILE B 129 -17.58 -4.65 22.20
CA ILE B 129 -18.52 -4.53 23.31
C ILE B 129 -18.69 -5.88 24.01
N GLY B 130 -18.65 -6.97 23.25
CA GLY B 130 -18.82 -8.32 23.80
C GLY B 130 -17.56 -9.12 24.05
N GLY B 131 -16.42 -8.45 24.18
CA GLY B 131 -15.17 -9.15 24.50
C GLY B 131 -15.19 -9.82 25.88
N MET B 132 -14.38 -10.87 26.03
CA MET B 132 -14.29 -11.61 27.30
C MET B 132 -13.75 -10.81 28.49
N PHE B 133 -13.13 -9.66 28.25
CA PHE B 133 -12.58 -8.83 29.32
C PHE B 133 -13.25 -7.48 29.33
N GLY B 134 -14.51 -7.43 28.92
CA GLY B 134 -15.31 -6.21 28.98
C GLY B 134 -15.23 -5.38 27.71
N ALA B 135 -16.11 -4.39 27.63
CA ALA B 135 -16.20 -3.50 26.47
C ALA B 135 -15.03 -2.53 26.45
N GLY B 136 -13.99 -2.90 25.71
CA GLY B 136 -12.84 -2.02 25.54
C GLY B 136 -12.21 -2.25 24.18
N ILE B 137 -11.04 -1.67 23.98
CA ILE B 137 -10.33 -1.82 22.73
C ILE B 137 -9.26 -2.91 22.91
N TYR B 138 -9.30 -3.93 22.06
CA TYR B 138 -8.48 -5.14 22.21
C TYR B 138 -7.25 -5.14 21.29
N PHE B 139 -6.13 -5.66 21.81
CA PHE B 139 -4.87 -5.80 21.10
C PHE B 139 -4.28 -7.18 21.40
N ALA B 140 -3.45 -7.69 20.47
CA ALA B 140 -2.89 -9.04 20.57
C ALA B 140 -1.38 -9.07 20.39
N GLU B 141 -0.73 -9.97 21.12
CA GLU B 141 0.65 -10.35 20.84
C GLU B 141 0.76 -11.27 19.62
N ASN B 142 -0.26 -12.11 19.36
CA ASN B 142 -0.26 -12.98 18.18
C ASN B 142 -0.83 -12.20 16.99
N SER B 143 -0.04 -12.00 15.94
CA SER B 143 -0.58 -11.37 14.73
C SER B 143 -1.80 -12.13 14.20
N SER B 144 -1.77 -13.47 14.29
CA SER B 144 -2.83 -14.32 13.77
C SER B 144 -4.13 -14.18 14.56
N LYS B 145 -4.03 -13.77 15.82
CA LYS B 145 -5.23 -13.47 16.64
C LYS B 145 -5.90 -12.20 16.10
N SER B 146 -5.13 -11.14 15.88
CA SER B 146 -5.67 -9.91 15.27
C SER B 146 -6.25 -10.17 13.86
N ASN B 147 -5.60 -11.06 13.09
CA ASN B 147 -6.09 -11.43 11.75
C ASN B 147 -7.51 -11.99 11.76
N GLN B 148 -7.89 -12.64 12.85
CA GLN B 148 -9.28 -13.12 13.00
C GLN B 148 -10.37 -12.02 13.00
N TYR B 149 -10.00 -10.75 13.21
CA TYR B 149 -10.95 -9.62 13.32
C TYR B 149 -10.90 -8.63 12.14
N VAL B 150 -10.03 -8.90 11.18
CA VAL B 150 -9.87 -8.05 9.99
C VAL B 150 -11.18 -7.84 9.22
N TYR B 151 -11.95 -8.91 9.09
CA TYR B 151 -13.23 -8.85 8.39
C TYR B 151 -14.43 -8.84 9.35
N GLY B 152 -14.17 -8.47 10.62
CA GLY B 152 -15.22 -8.34 11.62
C GLY B 152 -15.14 -9.36 12.73
N ILE B 153 -16.06 -9.30 13.68
CA ILE B 153 -16.09 -10.29 14.77
C ILE B 153 -16.27 -11.70 14.20
N GLY B 154 -15.40 -12.60 14.59
CA GLY B 154 -15.44 -13.98 14.13
C GLY B 154 -15.09 -14.17 12.66
N GLY B 155 -14.42 -13.17 12.08
CA GLY B 155 -14.16 -13.13 10.65
C GLY B 155 -15.31 -12.59 9.80
N GLY B 156 -16.42 -12.20 10.43
CA GLY B 156 -17.64 -11.81 9.71
C GLY B 156 -18.00 -12.81 8.64
N THR B 157 -18.25 -12.33 7.42
CA THR B 157 -18.46 -13.17 6.24
C THR B 157 -17.24 -13.20 5.31
N GLY B 158 -16.07 -12.84 5.85
CA GLY B 158 -14.82 -12.90 5.11
C GLY B 158 -14.66 -11.73 4.17
N CYS B 159 -13.83 -11.92 3.15
CA CYS B 159 -13.51 -10.83 2.22
C CYS B 159 -14.75 -10.34 1.46
N PRO B 160 -14.80 -9.05 1.12
CA PRO B 160 -15.95 -8.52 0.36
C PRO B 160 -16.16 -9.17 -0.99
N VAL B 161 -15.08 -9.43 -1.72
CA VAL B 161 -15.15 -9.91 -3.10
C VAL B 161 -15.58 -11.37 -3.18
N HIS B 162 -15.03 -12.24 -2.32
CA HIS B 162 -15.33 -13.68 -2.41
C HIS B 162 -16.16 -14.25 -1.27
N LYS B 163 -16.44 -13.47 -0.23
CA LYS B 163 -17.09 -13.99 1.00
C LYS B 163 -16.33 -15.19 1.57
N ASP B 164 -15.01 -15.08 1.62
CA ASP B 164 -14.14 -16.18 2.04
C ASP B 164 -13.26 -15.71 3.21
N ARG B 165 -13.51 -16.25 4.41
CA ARG B 165 -12.70 -15.92 5.58
C ARG B 165 -11.25 -16.38 5.42
N SER B 166 -11.02 -17.36 4.54
CA SER B 166 -9.68 -17.85 4.23
C SER B 166 -9.20 -17.40 2.83
N CYS B 167 -9.67 -16.25 2.35
CA CYS B 167 -9.25 -15.78 1.00
C CYS B 167 -7.76 -15.58 0.95
N TYR B 168 -7.13 -16.17 -0.07
CA TYR B 168 -5.69 -16.05 -0.34
C TYR B 168 -5.36 -15.00 -1.42
N ILE B 169 -6.39 -14.38 -1.97
CA ILE B 169 -6.25 -13.42 -3.07
C ILE B 169 -6.32 -11.98 -2.55
N CYS B 170 -7.37 -11.68 -1.79
CA CYS B 170 -7.63 -10.32 -1.36
C CYS B 170 -6.64 -9.80 -0.31
N HIS B 171 -6.29 -8.53 -0.44
CA HIS B 171 -5.35 -7.85 0.45
C HIS B 171 -5.97 -7.50 1.78
N ARG B 172 -5.28 -7.82 2.88
CA ARG B 172 -5.73 -7.53 4.24
C ARG B 172 -4.86 -6.44 4.84
N GLN B 173 -5.35 -5.78 5.87
CA GLN B 173 -4.56 -4.80 6.59
C GLN B 173 -4.66 -5.03 8.10
N LEU B 174 -3.53 -4.87 8.80
CA LEU B 174 -3.45 -4.91 10.26
C LEU B 174 -2.73 -3.65 10.71
N LEU B 175 -2.96 -3.24 11.95
CA LEU B 175 -2.18 -2.18 12.58
C LEU B 175 -1.22 -2.79 13.60
N PHE B 176 -0.03 -2.19 13.70
CA PHE B 176 0.92 -2.53 14.75
C PHE B 176 1.10 -1.23 15.54
N CYS B 177 0.68 -1.28 16.79
CA CYS B 177 0.40 -0.08 17.56
C CYS B 177 1.22 0.02 18.83
N ARG B 178 1.50 1.25 19.22
CA ARG B 178 2.10 1.57 20.50
C ARG B 178 0.95 1.71 21.51
N VAL B 179 0.99 0.92 22.60
CA VAL B 179 -0.11 0.84 23.56
C VAL B 179 0.41 1.07 24.99
N THR B 180 -0.19 2.03 25.71
CA THR B 180 0.17 2.30 27.12
C THR B 180 -0.68 1.42 28.05
N LEU B 181 -0.05 0.48 28.76
CA LEU B 181 -0.82 -0.44 29.62
C LEU B 181 -0.97 0.03 31.06
N GLY B 182 -0.04 0.85 31.52
CA GLY B 182 0.02 1.27 32.91
C GLY B 182 0.01 0.09 33.86
N LYS B 183 -0.72 0.24 34.96
CA LYS B 183 -0.98 -0.85 35.88
C LYS B 183 -2.01 -1.75 35.26
N SER B 184 -1.60 -2.93 34.83
CA SER B 184 -2.49 -3.83 34.10
C SER B 184 -3.03 -4.93 35.01
N PHE B 185 -4.35 -5.06 35.01
CA PHE B 185 -4.99 -6.14 35.77
C PHE B 185 -4.82 -7.48 35.05
N LEU B 186 -4.14 -8.43 35.70
CA LEU B 186 -3.97 -9.77 35.16
C LEU B 186 -5.23 -10.61 35.31
N GLN B 187 -5.76 -11.06 34.18
CA GLN B 187 -6.94 -11.93 34.18
C GLN B 187 -6.54 -13.18 33.44
N PHE B 188 -6.44 -14.31 34.15
CA PHE B 188 -6.24 -15.58 33.49
C PHE B 188 -7.54 -15.97 32.79
N SER B 189 -7.40 -16.62 31.66
CA SER B 189 -8.52 -16.89 30.78
C SER B 189 -8.50 -18.37 30.45
N ALA B 190 -9.67 -18.96 30.31
CA ALA B 190 -9.80 -20.39 30.08
C ALA B 190 -9.45 -20.78 28.64
N MET B 191 -9.24 -19.80 27.77
CA MET B 191 -8.75 -20.06 26.41
C MET B 191 -7.33 -20.66 26.43
N LYS B 192 -6.93 -21.36 25.50
N MET B 193 -18.41 2.17 26.21
CA MET B 193 -17.07 1.70 26.69
C MET B 193 -17.05 1.53 28.22
N ALA B 194 -16.61 0.35 28.67
CA ALA B 194 -16.50 0.05 30.11
C ALA B 194 -15.31 0.78 30.73
N HIS B 195 -15.17 0.67 32.04
CA HIS B 195 -14.06 1.31 32.76
C HIS B 195 -13.03 0.27 33.15
N SER B 196 -11.80 0.75 33.36
CA SER B 196 -10.71 -0.09 33.81
C SER B 196 -11.00 -0.49 35.26
N PRO B 197 -10.42 -1.62 35.72
CA PRO B 197 -10.59 -1.95 37.14
C PRO B 197 -9.97 -0.89 38.04
N PRO B 198 -10.57 -0.63 39.22
CA PRO B 198 -10.08 0.41 40.13
C PRO B 198 -8.57 0.36 40.38
N GLY B 199 -7.90 1.49 40.13
CA GLY B 199 -6.47 1.60 40.30
C GLY B 199 -5.65 0.98 39.17
N HIS B 200 -6.31 0.53 38.11
CA HIS B 200 -5.64 -0.09 36.94
C HIS B 200 -5.95 0.71 35.66
N HIS B 201 -5.08 0.61 34.65
CA HIS B 201 -5.21 1.35 33.37
C HIS B 201 -5.50 0.45 32.15
N SER B 202 -5.50 -0.88 32.38
CA SER B 202 -5.73 -1.86 31.33
C SER B 202 -5.95 -3.24 31.95
N VAL B 203 -6.39 -4.19 31.11
CA VAL B 203 -6.52 -5.60 31.49
C VAL B 203 -5.62 -6.44 30.59
N THR B 204 -4.94 -7.40 31.21
CA THR B 204 -4.15 -8.40 30.52
C THR B 204 -4.90 -9.73 30.54
N GLY B 205 -5.34 -10.17 29.37
CA GLY B 205 -6.04 -11.45 29.22
C GLY B 205 -5.05 -12.50 28.79
N ARG B 206 -4.75 -13.43 29.69
CA ARG B 206 -3.65 -14.38 29.48
C ARG B 206 -4.18 -15.80 29.43
N PRO B 207 -4.15 -16.43 28.25
CA PRO B 207 -4.60 -17.82 28.10
C PRO B 207 -3.86 -18.79 29.04
N SER B 208 -4.60 -19.62 29.74
CA SER B 208 -4.02 -20.58 30.70
C SER B 208 -4.19 -22.05 30.27
N VAL B 209 -4.92 -22.30 29.19
CA VAL B 209 -5.07 -23.67 28.65
C VAL B 209 -4.16 -23.92 27.45
N ASN B 210 -4.26 -23.08 26.42
CA ASN B 210 -3.36 -23.20 25.27
C ASN B 210 -2.01 -22.56 25.60
N GLY B 211 -1.00 -23.41 25.78
CA GLY B 211 0.32 -22.94 26.20
C GLY B 211 1.09 -22.18 25.14
N LEU B 212 0.63 -22.23 23.88
CA LEU B 212 1.28 -21.48 22.80
C LEU B 212 0.52 -20.22 22.43
N ALA B 213 -0.58 -19.94 23.11
CA ALA B 213 -1.35 -18.75 22.82
C ALA B 213 -0.82 -17.59 23.66
N LEU B 214 -0.49 -16.48 22.99
CA LEU B 214 0.03 -15.31 23.67
C LEU B 214 -1.10 -14.45 24.25
N ALA B 215 -0.76 -13.36 24.93
CA ALA B 215 -1.74 -12.56 25.64
C ALA B 215 -2.51 -11.63 24.72
N GLU B 216 -3.67 -11.23 25.23
CA GLU B 216 -4.54 -10.21 24.66
C GLU B 216 -4.65 -9.09 25.71
N TYR B 217 -4.77 -7.84 25.27
CA TYR B 217 -4.78 -6.68 26.16
C TYR B 217 -5.93 -5.75 25.81
N VAL B 218 -6.51 -5.16 26.84
CA VAL B 218 -7.67 -4.29 26.69
C VAL B 218 -7.40 -2.96 27.35
N ILE B 219 -7.64 -1.89 26.59
CA ILE B 219 -7.67 -0.53 27.13
C ILE B 219 -9.09 0.05 27.01
N TYR B 220 -9.39 1.00 27.87
CA TYR B 220 -10.74 1.56 27.95
C TYR B 220 -10.79 3.05 27.60
N ARG B 221 -9.66 3.56 27.10
CA ARG B 221 -9.52 4.94 26.65
C ARG B 221 -8.79 4.87 25.32
N GLY B 222 -9.33 5.48 24.28
CA GLY B 222 -8.66 5.44 22.95
C GLY B 222 -7.33 6.15 22.90
N GLU B 223 -7.13 7.13 23.78
CA GLU B 223 -5.88 7.89 23.85
C GLU B 223 -4.68 7.06 24.32
N GLN B 224 -4.90 5.85 24.82
CA GLN B 224 -3.80 4.95 25.26
C GLN B 224 -3.22 4.07 24.16
N ALA B 225 -3.61 4.30 22.90
CA ALA B 225 -2.99 3.59 21.77
C ALA B 225 -2.72 4.53 20.59
N TYR B 226 -1.60 4.31 19.91
CA TYR B 226 -1.27 5.06 18.70
C TYR B 226 -0.98 4.05 17.59
N PRO B 227 -1.68 4.17 16.45
CA PRO B 227 -1.50 3.23 15.33
C PRO B 227 -0.25 3.55 14.53
N GLU B 228 0.87 2.97 14.91
CA GLU B 228 2.16 3.40 14.37
C GLU B 228 2.50 2.85 12.98
N TYR B 229 2.10 1.61 12.70
CA TYR B 229 2.32 1.01 11.38
C TYR B 229 1.04 0.42 10.79
N LEU B 230 0.87 0.60 9.49
CA LEU B 230 -0.20 -0.03 8.71
C LEU B 230 0.41 -1.09 7.79
N ILE B 231 0.03 -2.34 8.02
CA ILE B 231 0.62 -3.48 7.33
C ILE B 231 -0.40 -4.06 6.36
N THR B 232 -0.02 -4.12 5.08
CA THR B 232 -0.85 -4.71 4.04
C THR B 232 -0.27 -6.06 3.66
N TYR B 233 -1.12 -7.10 3.61
CA TYR B 233 -0.66 -8.49 3.47
C TYR B 233 -1.71 -9.47 2.86
N GLN B 234 -1.25 -10.64 2.47
CA GLN B 234 -2.13 -11.78 2.18
C GLN B 234 -1.77 -12.92 3.12
N ILE B 235 -2.75 -13.73 3.55
CA ILE B 235 -2.43 -15.03 4.17
C ILE B 235 -2.01 -16.00 3.06
N MET B 236 -1.06 -16.90 3.33
CA MET B 236 -0.54 -17.82 2.31
C MET B 236 -1.06 -19.24 2.52
N ARG B 237 -1.52 -19.88 1.44
CA ARG B 237 -2.02 -21.25 1.50
C ARG B 237 -0.86 -22.20 1.81
N PRO B 238 -0.97 -23.03 2.86
CA PRO B 238 0.16 -23.94 3.14
C PRO B 238 0.42 -24.92 1.99
N GLU B 239 1.68 -25.30 1.82
CA GLU B 239 2.10 -26.32 0.86
C GLU B 239 2.21 -27.66 1.56
ZN ZN C . 16.97 19.32 -7.99
S SO4 D . -1.08 6.81 -2.78
O1 SO4 D . -2.01 5.85 -3.43
O2 SO4 D . 0.02 7.08 -3.70
O3 SO4 D . -0.58 6.14 -1.59
O4 SO4 D . -1.86 8.02 -2.43
S SO4 E . -1.35 25.95 -7.78
O1 SO4 E . -2.70 25.90 -8.38
O2 SO4 E . -1.07 27.29 -7.23
O3 SO4 E . -0.35 25.60 -8.80
O4 SO4 E . -1.28 25.00 -6.67
C1 SGW F . 1.90 2.98 -10.74
C2 SGW F . 2.24 2.11 -9.70
C3 SGW F . 3.56 1.72 -9.52
C4 SGW F . 4.56 2.18 -10.41
C5 SGW F . 4.19 3.05 -11.47
C6 SGW F . 2.87 3.45 -11.63
C11 SGW F . 5.16 3.52 -12.35
N12 SGW F . 6.49 3.09 -12.19
O13 SGW F . 4.88 4.29 -13.26
C14 SGW F . 8.27 1.80 -11.03
C15 SGW F . 8.75 1.04 -9.95
C16 SGW F . 10.10 0.63 -9.88
C17 SGW F . 11.00 0.92 -10.91
C18 SGW F . 10.53 1.65 -12.01
C19 SGW F . 9.21 2.08 -12.06
CL SGW F . 12.72 0.39 -10.83
CAI SGW F . 6.90 2.23 -11.14
CAH SGW F . 5.89 1.77 -10.26
CAA SGW F . 3.11 0.83 -7.34
OAB SGW F . 3.96 0.85 -8.50
C1 GOL G . -14.37 4.62 -2.39
O1 GOL G . -13.34 4.41 -1.43
C2 GOL G . -14.22 3.64 -3.54
O2 GOL G . -15.44 2.86 -3.64
C3 GOL G . -13.01 2.73 -3.28
O3 GOL G . -11.80 3.36 -3.74
ZN ZN H . -11.25 -12.54 -1.57
S SO4 I . -8.28 -19.31 19.39
O1 SO4 I . -9.01 -19.44 18.10
O2 SO4 I . -7.75 -17.97 19.47
O3 SO4 I . -7.22 -20.36 19.44
O4 SO4 I . -9.28 -19.53 20.44
S SO4 J . 3.87 -23.35 4.36
O1 SO4 J . 3.88 -24.30 3.22
O2 SO4 J . 5.22 -23.00 4.79
O3 SO4 J . 3.17 -24.01 5.48
O4 SO4 J . 3.16 -22.11 3.95
C1 SGW K . -7.08 -9.82 20.50
C2 SGW K . -8.29 -10.14 21.09
C3 SGW K . -9.47 -9.54 20.61
C4 SGW K . -9.42 -8.61 19.54
C5 SGW K . -8.17 -8.31 18.95
C6 SGW K . -7.01 -8.92 19.43
C11 SGW K . -8.07 -7.40 17.89
N12 SGW K . -9.24 -6.78 17.43
O13 SGW K . -7.00 -7.15 17.36
C14 SGW K . -11.68 -6.40 17.50
C15 SGW K . -11.57 -5.29 16.64
C16 SGW K . -12.70 -4.61 16.20
C17 SGW K . -13.98 -4.99 16.62
C18 SGW K . -14.09 -6.08 17.47
C19 SGW K . -12.96 -6.78 17.92
CL SGW K . -15.43 -4.12 16.07
CAI SGW K . -10.52 -7.07 17.97
CAH SGW K . -10.58 -7.98 19.07
CAA SGW K . -10.84 -11.14 21.73
OAB SGW K . -10.71 -9.81 21.16
C1 GOL L . -4.02 -23.40 10.76
O1 GOL L . -4.14 -22.13 10.11
C2 GOL L . -5.34 -23.81 11.40
O2 GOL L . -5.34 -25.22 11.61
C3 GOL L . -5.50 -23.13 12.74
O3 GOL L . -5.47 -21.71 12.57
#